data_5HSO
#
_entry.id   5HSO
#
_cell.length_a   48.218
_cell.length_b   48.233
_cell.length_c   101.115
_cell.angle_alpha   89.95
_cell.angle_beta   90.04
_cell.angle_gamma   107.13
#
_symmetry.space_group_name_H-M   'P 1'
#
loop_
_entity.id
_entity.type
_entity.pdbx_description
1 polymer 'Uncharacterized HTH-type transcriptional regulator Rv2887'
2 polymer 'DNA (30-MER), the upstream sequence of Rv0560c'
3 polymer 'DNA (30-MER), the upstream sequence of Rv0560c'
#
loop_
_entity_poly.entity_id
_entity_poly.type
_entity_poly.pdbx_seq_one_letter_code
_entity_poly.pdbx_strand_id
1 'polypeptide(L)'
;MGSSHHHHHHSSGLVPRGSHMMGLADDAPLGYLLYRVGAVLRPEVSAALSPLGLTLPEFVCLRMLSQSPGLSSAELARHA
SVTPQAMNTVLRKLEDAGAVARPASVSSGRSLPATLTARGRALAKRAEAVVRAADARVLARLTAPQQREFKRMLEKLGSD
;
A,B,C,D
2 'polydeoxyribonucleotide'
;(DC)(DG)(DA)(DC)(DG)(DT)(DC)(DA)(DG)(DC)(DT)(DG)(DA)(DA)(DC)(DG)(DG)(DC)(DG)(DG)
(DT)(DC)(DG)(DT)(DC)(DG)(DA)(DT)(DC)(DG)
;
E
3 'polydeoxyribonucleotide'
;(DC)(DG)(DA)(DT)(DC)(DG)(DA)(DC)(DG)(DA)(DC)(DC)(DG)(DC)(DC)(DG)(DT)(DT)(DC)(DA)
(DG)(DC)(DT)(DG)(DA)(DC)(DG)(DT)(DC)(DG)
;
F
#
# COMPACT_ATOMS: atom_id res chain seq x y z
N ASP A 27 -30.66 22.56 11.48
CA ASP A 27 -30.08 21.24 11.61
C ASP A 27 -29.37 20.81 10.32
N ALA A 28 -29.69 19.62 9.82
CA ALA A 28 -29.07 19.11 8.62
C ALA A 28 -29.99 19.29 7.41
N PRO A 29 -29.40 19.45 6.21
CA PRO A 29 -30.19 19.67 4.99
C PRO A 29 -31.17 18.54 4.74
N LEU A 30 -32.31 18.88 4.14
CA LEU A 30 -33.39 17.92 3.90
C LEU A 30 -32.91 16.71 3.09
N GLY A 31 -32.09 16.99 2.08
CA GLY A 31 -31.53 15.94 1.24
C GLY A 31 -30.72 14.92 2.01
N TYR A 32 -30.00 15.39 3.02
CA TYR A 32 -29.22 14.50 3.89
C TYR A 32 -30.14 13.53 4.63
N LEU A 33 -31.26 14.04 5.11
CA LEU A 33 -32.23 13.23 5.86
C LEU A 33 -32.90 12.20 4.97
N LEU A 34 -33.41 12.64 3.83
CA LEU A 34 -33.94 11.71 2.83
C LEU A 34 -32.91 10.64 2.50
N TYR A 35 -31.66 11.06 2.34
CA TYR A 35 -30.56 10.15 2.04
C TYR A 35 -30.36 9.10 3.14
N ARG A 36 -30.36 9.52 4.40
CA ARG A 36 -30.12 8.58 5.49
C ARG A 36 -31.28 7.58 5.62
N VAL A 37 -32.50 8.05 5.37
CA VAL A 37 -33.65 7.16 5.42
C VAL A 37 -33.57 6.15 4.28
N GLY A 38 -33.13 6.61 3.11
CA GLY A 38 -32.89 5.72 1.99
C GLY A 38 -31.80 4.71 2.26
N ALA A 39 -30.79 5.13 3.02
CA ALA A 39 -29.64 4.29 3.35
C ALA A 39 -30.02 3.24 4.38
N VAL A 40 -31.07 3.53 5.16
CA VAL A 40 -31.62 2.52 6.05
C VAL A 40 -32.52 1.57 5.27
N LEU A 41 -33.30 2.12 4.35
CA LEU A 41 -34.35 1.37 3.67
C LEU A 41 -33.85 0.38 2.62
N ARG A 42 -32.95 0.83 1.76
CA ARG A 42 -32.56 0.03 0.59
C ARG A 42 -31.87 -1.31 0.92
N PRO A 43 -31.01 -1.36 1.95
CA PRO A 43 -30.47 -2.68 2.29
C PRO A 43 -31.55 -3.66 2.77
N GLU A 44 -32.57 -3.15 3.46
CA GLU A 44 -33.65 -3.98 3.95
C GLU A 44 -34.48 -4.52 2.78
N VAL A 45 -34.80 -3.64 1.83
CA VAL A 45 -35.54 -4.04 0.64
C VAL A 45 -34.73 -5.05 -0.17
N SER A 46 -33.41 -4.88 -0.18
CA SER A 46 -32.54 -5.80 -0.91
C SER A 46 -32.52 -7.19 -0.27
N ALA A 47 -32.25 -7.24 1.04
CA ALA A 47 -32.23 -8.49 1.77
C ALA A 47 -33.59 -9.18 1.77
N ALA A 48 -34.65 -8.39 1.66
CA ALA A 48 -36.01 -8.91 1.63
C ALA A 48 -36.33 -9.52 0.26
N LEU A 49 -35.92 -8.83 -0.81
CA LEU A 49 -36.19 -9.29 -2.17
C LEU A 49 -35.27 -10.45 -2.57
N SER A 50 -34.13 -10.55 -1.90
CA SER A 50 -33.08 -11.50 -2.26
C SER A 50 -33.52 -12.97 -2.30
N PRO A 51 -34.19 -13.47 -1.24
CA PRO A 51 -34.56 -14.89 -1.32
C PRO A 51 -35.75 -15.18 -2.23
N LEU A 52 -36.18 -14.19 -3.01
CA LEU A 52 -37.23 -14.39 -4.00
C LEU A 52 -36.60 -14.45 -5.39
N GLY A 53 -35.28 -14.31 -5.44
CA GLY A 53 -34.57 -14.28 -6.70
C GLY A 53 -34.73 -12.98 -7.46
N LEU A 54 -35.10 -11.93 -6.73
CA LEU A 54 -35.32 -10.62 -7.36
C LEU A 54 -34.34 -9.57 -6.84
N THR A 55 -33.89 -8.71 -7.74
CA THR A 55 -33.17 -7.51 -7.35
C THR A 55 -34.18 -6.38 -7.21
N LEU A 56 -33.69 -5.19 -6.91
CA LEU A 56 -34.57 -4.02 -6.77
C LEU A 56 -35.11 -3.51 -8.12
N PRO A 57 -34.25 -3.38 -9.15
CA PRO A 57 -34.78 -2.92 -10.44
C PRO A 57 -35.77 -3.91 -11.06
N GLU A 58 -35.53 -5.19 -10.85
CA GLU A 58 -36.39 -6.24 -11.38
C GLU A 58 -37.77 -6.13 -10.74
N PHE A 59 -37.80 -5.83 -9.44
CA PHE A 59 -39.07 -5.61 -8.76
C PHE A 59 -39.77 -4.36 -9.29
N VAL A 60 -39.01 -3.30 -9.53
CA VAL A 60 -39.56 -2.09 -10.12
C VAL A 60 -40.29 -2.43 -11.42
N CYS A 61 -39.59 -3.15 -12.31
CA CYS A 61 -40.17 -3.58 -13.57
C CYS A 61 -41.43 -4.44 -13.39
N LEU A 62 -41.35 -5.40 -12.46
CA LEU A 62 -42.47 -6.25 -12.11
C LEU A 62 -43.71 -5.45 -11.77
N ARG A 63 -43.54 -4.50 -10.85
CA ARG A 63 -44.64 -3.70 -10.36
C ARG A 63 -45.21 -2.77 -11.43
N MET A 64 -44.33 -2.17 -12.23
CA MET A 64 -44.79 -1.34 -13.34
C MET A 64 -45.64 -2.11 -14.32
N LEU A 65 -45.20 -3.30 -14.71
CA LEU A 65 -45.97 -4.09 -15.66
C LEU A 65 -47.22 -4.68 -15.02
N SER A 66 -47.19 -4.85 -13.69
CA SER A 66 -48.34 -5.38 -12.97
C SER A 66 -49.44 -4.33 -12.83
N GLN A 67 -49.05 -3.06 -12.81
CA GLN A 67 -50.02 -1.98 -12.68
C GLN A 67 -50.47 -1.48 -14.05
N SER A 68 -49.54 -1.48 -15.01
CA SER A 68 -49.85 -1.04 -16.36
C SER A 68 -49.44 -2.11 -17.36
N PRO A 69 -50.28 -3.13 -17.57
CA PRO A 69 -49.91 -4.16 -18.55
C PRO A 69 -49.73 -3.62 -19.97
N GLY A 70 -48.87 -4.27 -20.76
CA GLY A 70 -48.74 -3.99 -22.18
C GLY A 70 -47.70 -3.01 -22.70
N LEU A 71 -47.23 -2.09 -21.87
CA LEU A 71 -46.26 -1.09 -22.35
C LEU A 71 -44.96 -1.73 -22.86
N SER A 72 -44.30 -1.04 -23.78
CA SER A 72 -43.05 -1.52 -24.35
C SER A 72 -41.88 -1.17 -23.45
N SER A 73 -40.68 -1.62 -23.83
CA SER A 73 -39.49 -1.47 -23.01
C SER A 73 -39.07 -0.02 -22.80
N ALA A 74 -39.25 0.80 -23.83
CA ALA A 74 -38.76 2.18 -23.80
C ALA A 74 -39.43 3.04 -22.73
N GLU A 75 -40.75 2.96 -22.61
CA GLU A 75 -41.46 3.77 -21.63
C GLU A 75 -41.28 3.18 -20.23
N LEU A 76 -41.02 1.88 -20.16
CA LEU A 76 -40.62 1.25 -18.91
C LEU A 76 -39.34 1.89 -18.41
N ALA A 77 -38.36 2.00 -19.30
CA ALA A 77 -37.10 2.62 -18.93
C ALA A 77 -37.30 4.10 -18.61
N ARG A 78 -38.24 4.75 -19.30
CA ARG A 78 -38.50 6.17 -19.07
C ARG A 78 -39.18 6.44 -17.73
N HIS A 79 -40.00 5.52 -17.25
CA HIS A 79 -40.73 5.73 -16.00
C HIS A 79 -39.88 5.38 -14.78
N ALA A 80 -38.85 4.57 -14.98
CA ALA A 80 -37.98 4.16 -13.89
C ALA A 80 -36.67 4.94 -13.93
N SER A 81 -36.57 5.89 -14.84
CA SER A 81 -35.37 6.70 -15.03
C SER A 81 -34.10 5.86 -15.21
N VAL A 82 -34.19 4.85 -16.06
CA VAL A 82 -33.02 4.05 -16.41
C VAL A 82 -32.88 3.99 -17.94
N THR A 83 -31.74 3.48 -18.40
CA THR A 83 -31.48 3.35 -19.82
C THR A 83 -32.23 2.14 -20.38
N PRO A 84 -32.65 2.22 -21.66
CA PRO A 84 -33.38 1.12 -22.31
C PRO A 84 -32.65 -0.21 -22.25
N GLN A 85 -31.32 -0.19 -22.27
CA GLN A 85 -30.54 -1.42 -22.23
C GLN A 85 -30.61 -2.10 -20.87
N ALA A 86 -30.65 -1.31 -19.80
CA ALA A 86 -30.81 -1.84 -18.45
C ALA A 86 -32.16 -2.52 -18.33
N MET A 87 -33.19 -1.84 -18.82
CA MET A 87 -34.55 -2.35 -18.80
C MET A 87 -34.68 -3.61 -19.65
N ASN A 88 -33.92 -3.69 -20.74
CA ASN A 88 -33.93 -4.90 -21.57
C ASN A 88 -33.18 -6.07 -20.92
N THR A 89 -32.13 -5.76 -20.16
CA THR A 89 -31.43 -6.79 -19.39
C THR A 89 -32.42 -7.37 -18.37
N VAL A 90 -33.10 -6.47 -17.66
CA VAL A 90 -34.09 -6.86 -16.67
C VAL A 90 -35.19 -7.70 -17.32
N LEU A 91 -35.65 -7.23 -18.49
CA LEU A 91 -36.73 -7.88 -19.20
C LEU A 91 -36.34 -9.28 -19.64
N ARG A 92 -35.09 -9.45 -20.04
CA ARG A 92 -34.64 -10.78 -20.42
C ARG A 92 -34.49 -11.71 -19.22
N LYS A 93 -34.04 -11.15 -18.10
CA LYS A 93 -33.97 -11.97 -16.89
C LYS A 93 -35.37 -12.41 -16.50
N LEU A 94 -36.37 -11.55 -16.76
CA LEU A 94 -37.75 -11.88 -16.39
C LEU A 94 -38.47 -12.75 -17.42
N GLU A 95 -38.05 -12.72 -18.67
CA GLU A 95 -38.58 -13.62 -19.68
C GLU A 95 -38.07 -15.03 -19.41
N ASP A 96 -36.76 -15.12 -19.18
CA ASP A 96 -36.13 -16.40 -18.91
C ASP A 96 -36.66 -17.04 -17.63
N ALA A 97 -37.18 -16.22 -16.73
CA ALA A 97 -37.68 -16.71 -15.44
C ALA A 97 -39.17 -17.00 -15.54
N GLY A 98 -39.75 -16.77 -16.71
CA GLY A 98 -41.16 -17.01 -16.92
C GLY A 98 -42.07 -16.04 -16.19
N ALA A 99 -41.67 -14.77 -16.15
CA ALA A 99 -42.48 -13.74 -15.52
C ALA A 99 -43.21 -12.91 -16.56
N VAL A 100 -42.57 -12.73 -17.71
CA VAL A 100 -43.13 -11.90 -18.79
C VAL A 100 -43.07 -12.64 -20.11
N ALA A 101 -44.03 -12.34 -20.98
CA ALA A 101 -44.03 -12.88 -22.35
C ALA A 101 -43.82 -11.76 -23.37
N PRO A 113 -43.51 -4.73 -26.76
CA PRO A 113 -44.84 -4.77 -26.16
C PRO A 113 -45.04 -6.00 -25.30
N ALA A 114 -44.24 -6.12 -24.24
CA ALA A 114 -44.28 -7.27 -23.33
C ALA A 114 -45.35 -7.13 -22.25
N THR A 115 -45.69 -8.24 -21.62
CA THR A 115 -46.72 -8.25 -20.57
C THR A 115 -46.53 -9.43 -19.62
N LEU A 116 -47.22 -9.38 -18.48
CA LEU A 116 -47.03 -10.35 -17.40
C LEU A 116 -47.78 -11.67 -17.57
N THR A 117 -47.26 -12.71 -16.94
CA THR A 117 -47.87 -14.03 -16.92
C THR A 117 -48.30 -14.37 -15.49
N ALA A 118 -49.00 -15.49 -15.32
CA ALA A 118 -49.52 -15.91 -14.01
C ALA A 118 -48.40 -16.03 -12.97
N ARG A 119 -47.28 -16.62 -13.37
CA ARG A 119 -46.11 -16.75 -12.51
C ARG A 119 -45.59 -15.37 -12.14
N GLY A 120 -45.62 -14.48 -13.11
CA GLY A 120 -45.23 -13.09 -12.91
C GLY A 120 -46.13 -12.35 -11.95
N ARG A 121 -47.43 -12.64 -12.02
CA ARG A 121 -48.40 -12.01 -11.13
C ARG A 121 -48.19 -12.47 -9.69
N ALA A 122 -48.01 -13.78 -9.51
CA ALA A 122 -47.78 -14.34 -8.19
C ALA A 122 -46.50 -13.78 -7.59
N LEU A 123 -45.45 -13.76 -8.41
CA LEU A 123 -44.15 -13.24 -8.02
C LEU A 123 -44.28 -11.78 -7.61
N ALA A 124 -45.05 -11.02 -8.38
CA ALA A 124 -45.30 -9.61 -8.09
C ALA A 124 -46.01 -9.45 -6.75
N LYS A 125 -46.95 -10.33 -6.46
CA LYS A 125 -47.68 -10.27 -5.20
C LYS A 125 -46.76 -10.49 -4.02
N ARG A 126 -45.98 -11.57 -4.08
CA ARG A 126 -45.11 -11.94 -2.96
C ARG A 126 -44.01 -10.90 -2.78
N ALA A 127 -43.54 -10.34 -3.88
CA ALA A 127 -42.53 -9.29 -3.85
C ALA A 127 -43.08 -8.04 -3.17
N GLU A 128 -44.22 -7.57 -3.67
CA GLU A 128 -44.96 -6.46 -3.06
C GLU A 128 -45.09 -6.65 -1.55
N ALA A 129 -45.54 -7.84 -1.14
CA ALA A 129 -45.74 -8.13 0.27
C ALA A 129 -44.43 -7.99 1.05
N VAL A 130 -43.37 -8.56 0.49
CA VAL A 130 -42.07 -8.56 1.15
C VAL A 130 -41.45 -7.15 1.30
N VAL A 131 -41.57 -6.33 0.25
CA VAL A 131 -41.06 -4.96 0.32
C VAL A 131 -41.91 -4.16 1.30
N ARG A 132 -43.20 -4.48 1.37
CA ARG A 132 -44.06 -3.84 2.37
C ARG A 132 -43.62 -4.22 3.78
N ALA A 133 -43.11 -5.45 3.94
CA ALA A 133 -42.59 -5.88 5.22
C ALA A 133 -41.34 -5.10 5.60
N ALA A 134 -40.45 -4.91 4.63
CA ALA A 134 -39.26 -4.09 4.87
C ALA A 134 -39.66 -2.66 5.26
N ASP A 135 -40.66 -2.13 4.55
CA ASP A 135 -41.21 -0.80 4.82
C ASP A 135 -41.70 -0.70 6.26
N ALA A 136 -42.51 -1.67 6.66
CA ALA A 136 -43.00 -1.71 8.04
C ALA A 136 -41.84 -1.75 9.03
N ARG A 137 -40.78 -2.44 8.65
CA ARG A 137 -39.67 -2.65 9.57
C ARG A 137 -38.82 -1.39 9.75
N VAL A 138 -38.75 -0.53 8.74
CA VAL A 138 -38.06 0.75 8.93
C VAL A 138 -39.01 1.77 9.58
N LEU A 139 -40.28 1.72 9.19
CA LEU A 139 -41.28 2.65 9.70
C LEU A 139 -41.67 2.35 11.14
N ALA A 140 -41.18 1.24 11.68
CA ALA A 140 -41.54 0.79 13.03
C ALA A 140 -41.03 1.69 14.15
N ARG A 141 -40.06 2.55 13.86
CA ARG A 141 -39.56 3.48 14.87
C ARG A 141 -40.61 4.55 15.18
N LEU A 142 -41.59 4.66 14.30
CA LEU A 142 -42.71 5.57 14.51
C LEU A 142 -43.94 4.80 14.97
N THR A 143 -44.79 5.46 15.75
CA THR A 143 -46.08 4.90 16.11
C THR A 143 -46.96 4.81 14.87
N ALA A 144 -48.02 4.01 14.94
CA ALA A 144 -48.92 3.82 13.79
C ALA A 144 -49.53 5.14 13.28
N PRO A 145 -50.07 5.99 14.19
CA PRO A 145 -50.56 7.28 13.68
C PRO A 145 -49.46 8.10 13.03
N GLN A 146 -48.28 8.11 13.66
CA GLN A 146 -47.12 8.80 13.13
C GLN A 146 -46.80 8.29 11.72
N GLN A 147 -46.88 6.98 11.54
CA GLN A 147 -46.67 6.37 10.23
C GLN A 147 -47.67 6.88 9.19
N ARG A 148 -48.96 6.80 9.52
CA ARG A 148 -50.00 7.25 8.60
C ARG A 148 -49.79 8.71 8.17
N GLU A 149 -49.60 9.57 9.16
CA GLU A 149 -49.42 11.00 8.91
C GLU A 149 -48.16 11.26 8.09
N PHE A 150 -47.08 10.58 8.45
CA PHE A 150 -45.82 10.66 7.73
C PHE A 150 -45.96 10.30 6.25
N LYS A 151 -46.74 9.25 5.96
CA LYS A 151 -46.95 8.85 4.59
C LYS A 151 -47.79 9.88 3.85
N ARG A 152 -48.75 10.50 4.55
CA ARG A 152 -49.49 11.61 3.96
C ARG A 152 -48.54 12.75 3.57
N MET A 153 -47.60 13.07 4.46
CA MET A 153 -46.69 14.18 4.27
C MET A 153 -45.72 13.93 3.11
N LEU A 154 -45.15 12.73 3.04
CA LEU A 154 -44.30 12.37 1.91
C LEU A 154 -45.10 12.43 0.61
N GLU A 155 -46.31 11.87 0.66
CA GLU A 155 -47.20 11.90 -0.50
C GLU A 155 -47.43 13.31 -1.01
N LYS A 156 -47.51 14.25 -0.08
CA LYS A 156 -47.79 15.63 -0.44
C LYS A 156 -46.55 16.34 -1.00
N LEU A 157 -45.41 16.17 -0.34
CA LEU A 157 -44.18 16.85 -0.75
C LEU A 157 -43.72 16.55 -2.18
N GLY A 158 -44.24 15.48 -2.78
CA GLY A 158 -43.91 15.17 -4.16
C GLY A 158 -45.01 15.71 -5.04
N SER A 159 -45.87 14.82 -5.51
CA SER A 159 -47.09 15.18 -6.24
C SER A 159 -46.87 16.21 -7.34
N ASP B 27 -50.85 1.10 -0.88
CA ASP B 27 -50.51 2.39 -1.45
C ASP B 27 -49.30 2.25 -2.37
N ALA B 28 -48.36 3.18 -2.24
CA ALA B 28 -47.11 3.14 -2.98
C ALA B 28 -45.99 2.79 -2.01
N PRO B 29 -44.96 2.06 -2.48
CA PRO B 29 -43.83 1.70 -1.61
C PRO B 29 -43.11 2.93 -1.05
N LEU B 30 -42.56 2.82 0.15
CA LEU B 30 -41.90 3.93 0.83
C LEU B 30 -40.76 4.52 -0.02
N GLY B 31 -40.01 3.63 -0.68
CA GLY B 31 -38.92 4.03 -1.54
C GLY B 31 -39.36 4.91 -2.69
N TYR B 32 -40.53 4.61 -3.25
CA TYR B 32 -41.11 5.42 -4.31
C TYR B 32 -41.40 6.84 -3.84
N LEU B 33 -41.95 6.97 -2.64
CA LEU B 33 -42.31 8.27 -2.09
C LEU B 33 -41.07 9.10 -1.78
N LEU B 34 -40.13 8.48 -1.07
CA LEU B 34 -38.83 9.09 -0.79
C LEU B 34 -38.18 9.56 -2.09
N TYR B 35 -38.26 8.71 -3.11
CA TYR B 35 -37.73 9.00 -4.43
C TYR B 35 -38.39 10.21 -5.06
N ARG B 36 -39.71 10.28 -4.99
CA ARG B 36 -40.43 11.39 -5.63
C ARG B 36 -40.11 12.72 -4.93
N VAL B 37 -39.96 12.67 -3.62
CA VAL B 37 -39.59 13.87 -2.88
C VAL B 37 -38.17 14.29 -3.25
N GLY B 38 -37.28 13.31 -3.41
CA GLY B 38 -35.94 13.59 -3.88
C GLY B 38 -35.91 14.17 -5.27
N ALA B 39 -36.85 13.72 -6.10
CA ALA B 39 -36.94 14.14 -7.49
C ALA B 39 -37.51 15.55 -7.59
N VAL B 40 -38.25 15.95 -6.56
CA VAL B 40 -38.70 17.34 -6.48
C VAL B 40 -37.57 18.23 -5.96
N LEU B 41 -36.85 17.74 -4.96
CA LEU B 41 -35.85 18.55 -4.26
C LEU B 41 -34.58 18.80 -5.08
N ARG B 42 -34.07 17.75 -5.72
CA ARG B 42 -32.75 17.81 -6.36
C ARG B 42 -32.62 18.85 -7.49
N PRO B 43 -33.66 19.00 -8.34
CA PRO B 43 -33.55 20.10 -9.31
C PRO B 43 -33.56 21.47 -8.63
N GLU B 44 -34.27 21.58 -7.52
CA GLU B 44 -34.37 22.84 -6.80
C GLU B 44 -33.03 23.24 -6.18
N VAL B 45 -32.38 22.30 -5.50
CA VAL B 45 -31.06 22.54 -4.92
C VAL B 45 -30.04 22.79 -6.04
N SER B 46 -30.22 22.15 -7.18
CA SER B 46 -29.30 22.37 -8.30
C SER B 46 -29.42 23.81 -8.83
N ALA B 47 -30.65 24.22 -9.12
CA ALA B 47 -30.92 25.57 -9.59
C ALA B 47 -30.53 26.63 -8.57
N ALA B 48 -30.56 26.26 -7.29
CA ALA B 48 -30.17 27.16 -6.22
C ALA B 48 -28.66 27.32 -6.12
N LEU B 49 -27.94 26.20 -6.25
CA LEU B 49 -26.49 26.22 -6.12
C LEU B 49 -25.81 26.76 -7.39
N SER B 50 -26.51 26.68 -8.51
CA SER B 50 -25.94 27.01 -9.81
C SER B 50 -25.35 28.43 -9.90
N PRO B 51 -26.10 29.47 -9.47
CA PRO B 51 -25.50 30.80 -9.64
C PRO B 51 -24.40 31.13 -8.61
N LEU B 52 -23.97 30.14 -7.83
CA LEU B 52 -22.85 30.30 -6.93
C LEU B 52 -21.61 29.63 -7.50
N GLY B 53 -21.78 29.01 -8.67
CA GLY B 53 -20.69 28.26 -9.29
C GLY B 53 -20.45 26.92 -8.63
N LEU B 54 -21.46 26.41 -7.94
CA LEU B 54 -21.32 25.14 -7.24
C LEU B 54 -22.26 24.07 -7.79
N THR B 55 -21.76 22.83 -7.85
CA THR B 55 -22.60 21.68 -8.09
C THR B 55 -23.00 21.12 -6.73
N LEU B 56 -23.74 20.02 -6.74
CA LEU B 56 -24.16 19.40 -5.48
C LEU B 56 -23.00 18.68 -4.75
N PRO B 57 -22.19 17.89 -5.48
CA PRO B 57 -21.09 17.23 -4.75
C PRO B 57 -20.07 18.21 -4.18
N GLU B 58 -19.85 19.31 -4.88
CA GLU B 58 -18.91 20.32 -4.43
C GLU B 58 -19.43 20.96 -3.14
N PHE B 59 -20.73 21.17 -3.07
CA PHE B 59 -21.35 21.68 -1.85
C PHE B 59 -21.25 20.68 -0.70
N VAL B 60 -21.47 19.40 -1.01
CA VAL B 60 -21.32 18.34 -0.02
C VAL B 60 -19.91 18.40 0.59
N CYS B 61 -18.90 18.44 -0.27
CA CYS B 61 -17.52 18.54 0.16
C CYS B 61 -17.29 19.79 1.01
N LEU B 62 -17.82 20.91 0.54
CA LEU B 62 -17.77 22.18 1.26
C LEU B 62 -18.25 22.05 2.69
N ARG B 63 -19.45 21.51 2.85
CA ARG B 63 -20.10 21.41 4.16
C ARG B 63 -19.34 20.43 5.06
N MET B 64 -18.89 19.34 4.47
CA MET B 64 -18.08 18.36 5.21
C MET B 64 -16.81 18.97 5.77
N LEU B 65 -16.09 19.74 4.96
CA LEU B 65 -14.86 20.37 5.43
C LEU B 65 -15.16 21.54 6.37
N SER B 66 -16.34 22.11 6.22
CA SER B 66 -16.76 23.23 7.06
C SER B 66 -17.13 22.75 8.45
N GLN B 67 -17.56 21.50 8.56
CA GLN B 67 -17.94 20.92 9.85
C GLN B 67 -16.76 20.22 10.49
N SER B 68 -15.97 19.54 9.67
CA SER B 68 -14.79 18.82 10.15
C SER B 68 -13.54 19.17 9.34
N PRO B 69 -12.91 20.31 9.67
CA PRO B 69 -11.69 20.73 8.96
C PRO B 69 -10.56 19.71 9.09
N GLY B 70 -9.65 19.68 8.11
CA GLY B 70 -8.47 18.85 8.23
C GLY B 70 -8.55 17.47 7.62
N LEU B 71 -9.77 17.00 7.37
CA LEU B 71 -10.01 15.65 6.86
C LEU B 71 -9.24 15.43 5.56
N SER B 72 -8.77 14.19 5.31
CA SER B 72 -8.02 13.90 4.09
C SER B 72 -8.99 13.51 2.98
N SER B 73 -8.46 13.28 1.77
CA SER B 73 -9.32 12.99 0.62
C SER B 73 -10.05 11.67 0.79
N ALA B 74 -9.39 10.69 1.38
CA ALA B 74 -9.93 9.34 1.50
C ALA B 74 -11.18 9.29 2.37
N GLU B 75 -11.13 9.94 3.53
CA GLU B 75 -12.26 9.94 4.45
C GLU B 75 -13.35 10.89 3.96
N LEU B 76 -12.95 11.91 3.22
CA LEU B 76 -13.90 12.80 2.56
C LEU B 76 -14.76 11.96 1.61
N ALA B 77 -14.09 11.16 0.79
CA ALA B 77 -14.77 10.27 -0.14
C ALA B 77 -15.56 9.18 0.58
N ARG B 78 -15.06 8.73 1.74
CA ARG B 78 -15.73 7.66 2.49
C ARG B 78 -17.05 8.14 3.08
N HIS B 79 -17.11 9.42 3.47
CA HIS B 79 -18.31 9.92 4.13
C HIS B 79 -19.41 10.32 3.16
N ALA B 80 -19.03 10.59 1.91
CA ALA B 80 -19.99 11.03 0.92
C ALA B 80 -20.42 9.89 -0.01
N SER B 81 -19.94 8.69 0.29
CA SER B 81 -20.22 7.50 -0.52
C SER B 81 -19.85 7.70 -1.98
N VAL B 82 -18.67 8.26 -2.22
CA VAL B 82 -18.15 8.40 -3.58
C VAL B 82 -16.75 7.82 -3.67
N THR B 83 -16.25 7.69 -4.89
CA THR B 83 -14.90 7.19 -5.11
C THR B 83 -13.89 8.30 -4.85
N PRO B 84 -12.68 7.94 -4.37
CA PRO B 84 -11.63 8.90 -4.05
C PRO B 84 -11.27 9.83 -5.21
N GLN B 85 -11.37 9.35 -6.45
CA GLN B 85 -11.01 10.17 -7.61
C GLN B 85 -12.02 11.30 -7.86
N ALA B 86 -13.30 11.02 -7.61
CA ALA B 86 -14.34 12.04 -7.73
C ALA B 86 -14.09 13.13 -6.70
N MET B 87 -13.81 12.71 -5.48
CA MET B 87 -13.52 13.63 -4.39
C MET B 87 -12.25 14.43 -4.66
N ASN B 88 -11.29 13.83 -5.36
CA ASN B 88 -10.07 14.55 -5.73
C ASN B 88 -10.34 15.58 -6.83
N THR B 89 -11.25 15.24 -7.74
CA THR B 89 -11.66 16.17 -8.78
C THR B 89 -12.30 17.39 -8.13
N VAL B 90 -13.23 17.12 -7.22
CA VAL B 90 -13.93 18.17 -6.49
C VAL B 90 -12.95 19.00 -5.68
N LEU B 91 -12.02 18.33 -5.00
CA LEU B 91 -11.06 19.02 -4.15
C LEU B 91 -10.13 19.92 -4.95
N ARG B 92 -9.69 19.49 -6.13
CA ARG B 92 -8.82 20.38 -6.90
C ARG B 92 -9.64 21.53 -7.49
N LYS B 93 -10.89 21.25 -7.87
CA LYS B 93 -11.73 22.33 -8.36
C LYS B 93 -11.90 23.38 -7.26
N LEU B 94 -11.93 22.95 -6.01
CA LEU B 94 -12.09 23.88 -4.90
C LEU B 94 -10.75 24.53 -4.54
N GLU B 95 -9.66 23.89 -4.92
CA GLU B 95 -8.33 24.48 -4.77
C GLU B 95 -8.17 25.66 -5.73
N ASP B 96 -8.60 25.43 -6.97
CA ASP B 96 -8.51 26.44 -8.01
C ASP B 96 -9.33 27.68 -7.69
N ALA B 97 -10.36 27.52 -6.87
CA ALA B 97 -11.24 28.63 -6.53
C ALA B 97 -10.82 29.31 -5.23
N GLY B 98 -9.76 28.80 -4.62
CA GLY B 98 -9.28 29.35 -3.35
C GLY B 98 -10.21 29.06 -2.19
N ALA B 99 -10.80 27.87 -2.21
CA ALA B 99 -11.70 27.45 -1.14
C ALA B 99 -11.00 26.54 -0.16
N VAL B 100 -10.04 25.75 -0.66
CA VAL B 100 -9.32 24.79 0.15
C VAL B 100 -7.82 24.94 -0.05
N ALA B 101 -7.06 24.61 0.99
CA ALA B 101 -5.60 24.57 0.89
C ALA B 101 -5.06 23.16 1.03
N PRO B 113 -4.85 15.73 3.63
CA PRO B 113 -5.16 16.53 4.82
C PRO B 113 -5.46 17.99 4.47
N ALA B 114 -6.51 18.20 3.68
CA ALA B 114 -6.90 19.52 3.20
C ALA B 114 -7.77 20.28 4.20
N THR B 115 -7.88 21.59 4.01
CA THR B 115 -8.68 22.44 4.91
C THR B 115 -9.16 23.71 4.21
N LEU B 116 -10.15 24.38 4.81
CA LEU B 116 -10.83 25.53 4.21
C LEU B 116 -10.13 26.88 4.40
N THR B 117 -10.46 27.80 3.49
CA THR B 117 -9.97 29.17 3.55
C THR B 117 -11.15 30.11 3.82
N ALA B 118 -10.86 31.39 4.03
CA ALA B 118 -11.89 32.39 4.35
C ALA B 118 -12.96 32.46 3.26
N ARG B 119 -12.50 32.43 2.01
CA ARG B 119 -13.40 32.43 0.86
C ARG B 119 -14.24 31.17 0.86
N GLY B 120 -13.62 30.06 1.26
CA GLY B 120 -14.31 28.80 1.39
C GLY B 120 -15.39 28.83 2.47
N ARG B 121 -15.11 29.53 3.57
CA ARG B 121 -16.08 29.66 4.66
C ARG B 121 -17.27 30.52 4.23
N ALA B 122 -16.98 31.66 3.59
CA ALA B 122 -18.05 32.54 3.12
C ALA B 122 -18.93 31.83 2.10
N LEU B 123 -18.26 31.16 1.16
CA LEU B 123 -18.95 30.40 0.12
C LEU B 123 -19.81 29.30 0.75
N ALA B 124 -19.28 28.64 1.77
CA ALA B 124 -20.01 27.60 2.49
C ALA B 124 -21.27 28.15 3.15
N LYS B 125 -21.14 29.35 3.73
CA LYS B 125 -22.27 29.99 4.41
C LYS B 125 -23.37 30.28 3.41
N ARG B 126 -23.00 30.93 2.31
CA ARG B 126 -23.99 31.33 1.31
C ARG B 126 -24.65 30.11 0.67
N ALA B 127 -23.86 29.06 0.50
CA ALA B 127 -24.36 27.81 -0.06
C ALA B 127 -25.38 27.19 0.87
N GLU B 128 -25.00 27.05 2.14
CA GLU B 128 -25.92 26.61 3.19
C GLU B 128 -27.23 27.36 3.07
N ALA B 129 -27.14 28.68 3.00
CA ALA B 129 -28.34 29.52 2.94
C ALA B 129 -29.21 29.18 1.73
N VAL B 130 -28.62 29.09 0.54
CA VAL B 130 -29.43 28.84 -0.65
C VAL B 130 -30.07 27.44 -0.66
N VAL B 131 -29.34 26.40 -0.23
CA VAL B 131 -29.95 25.07 -0.22
C VAL B 131 -31.05 25.02 0.84
N ARG B 132 -30.88 25.76 1.93
CA ARG B 132 -31.95 25.85 2.93
C ARG B 132 -33.17 26.57 2.36
N ALA B 133 -32.93 27.53 1.46
CA ALA B 133 -34.05 28.21 0.81
C ALA B 133 -34.81 27.24 -0.10
N ALA B 134 -34.07 26.42 -0.85
CA ALA B 134 -34.68 25.39 -1.68
C ALA B 134 -35.50 24.42 -0.82
N ASP B 135 -34.93 24.05 0.33
CA ASP B 135 -35.60 23.18 1.29
C ASP B 135 -36.92 23.78 1.73
N ALA B 136 -36.89 25.05 2.12
CA ALA B 136 -38.10 25.76 2.51
C ALA B 136 -39.13 25.74 1.38
N ARG B 137 -38.63 25.83 0.15
CA ARG B 137 -39.50 25.95 -1.01
C ARG B 137 -40.18 24.63 -1.37
N VAL B 138 -39.55 23.50 -1.07
CA VAL B 138 -40.22 22.22 -1.29
C VAL B 138 -41.10 21.86 -0.09
N LEU B 139 -40.61 22.20 1.11
CA LEU B 139 -41.32 21.92 2.35
C LEU B 139 -42.53 22.84 2.56
N ALA B 140 -42.67 23.84 1.70
CA ALA B 140 -43.72 24.85 1.85
C ALA B 140 -45.15 24.33 1.65
N ARG B 141 -45.31 23.15 1.04
CA ARG B 141 -46.62 22.56 0.87
C ARG B 141 -47.19 22.09 2.21
N LEU B 142 -46.31 21.99 3.21
CA LEU B 142 -46.71 21.65 4.56
C LEU B 142 -46.77 22.90 5.43
N THR B 143 -47.63 22.90 6.44
CA THR B 143 -47.65 23.97 7.42
C THR B 143 -46.34 23.92 8.22
N ALA B 144 -46.01 25.03 8.89
CA ALA B 144 -44.78 25.10 9.67
C ALA B 144 -44.69 24.01 10.76
N PRO B 145 -45.77 23.81 11.56
CA PRO B 145 -45.69 22.71 12.52
C PRO B 145 -45.49 21.36 11.84
N GLN B 146 -46.19 21.15 10.73
CA GLN B 146 -46.04 19.94 9.93
C GLN B 146 -44.61 19.77 9.45
N GLN B 147 -43.98 20.86 9.02
CA GLN B 147 -42.59 20.82 8.60
C GLN B 147 -41.66 20.35 9.73
N ARG B 148 -41.78 21.02 10.88
CA ARG B 148 -40.97 20.66 12.03
C ARG B 148 -41.14 19.19 12.43
N GLU B 149 -42.39 18.76 12.54
CA GLU B 149 -42.72 17.39 12.94
C GLU B 149 -42.17 16.36 11.94
N PHE B 150 -42.38 16.64 10.66
CA PHE B 150 -41.86 15.82 9.56
C PHE B 150 -40.34 15.65 9.61
N LYS B 151 -39.63 16.74 9.87
CA LYS B 151 -38.17 16.65 9.93
C LYS B 151 -37.74 15.86 11.17
N ARG B 152 -38.49 16.01 12.27
CA ARG B 152 -38.25 15.16 13.44
C ARG B 152 -38.38 13.67 13.06
N MET B 153 -39.40 13.38 12.27
CA MET B 153 -39.73 12.01 11.90
C MET B 153 -38.63 11.40 11.02
N LEU B 154 -38.16 12.18 10.03
CA LEU B 154 -37.05 11.71 9.19
C LEU B 154 -35.80 11.49 10.03
N GLU B 155 -35.49 12.46 10.89
CA GLU B 155 -34.33 12.37 11.77
C GLU B 155 -34.36 11.11 12.62
N LYS B 156 -35.55 10.69 13.01
CA LYS B 156 -35.65 9.47 13.80
C LYS B 156 -35.50 8.23 12.91
N LEU B 157 -36.22 8.22 11.80
CA LEU B 157 -36.19 7.09 10.88
C LEU B 157 -34.80 6.80 10.30
N GLY B 158 -33.88 7.75 10.41
CA GLY B 158 -32.54 7.55 9.90
C GLY B 158 -31.53 7.04 10.93
N SER B 159 -31.85 5.92 11.57
CA SER B 159 -30.94 5.27 12.52
C SER B 159 -30.37 6.23 13.56
N ASP C 27 36.41 1.12 -14.33
CA ASP C 27 35.21 0.30 -14.20
C ASP C 27 34.56 0.52 -12.83
N ALA C 28 34.29 -0.56 -12.13
CA ALA C 28 33.64 -0.50 -10.82
C ALA C 28 34.66 -0.64 -9.68
N PRO C 29 34.38 0.02 -8.55
CA PRO C 29 35.25 0.00 -7.37
C PRO C 29 35.50 -1.41 -6.83
N LEU C 30 36.68 -1.62 -6.25
CA LEU C 30 37.10 -2.92 -5.74
C LEU C 30 36.11 -3.49 -4.72
N GLY C 31 35.58 -2.63 -3.87
CA GLY C 31 34.60 -3.04 -2.88
C GLY C 31 33.34 -3.62 -3.48
N TYR C 32 32.90 -3.05 -4.60
CA TYR C 32 31.75 -3.57 -5.33
C TYR C 32 32.00 -4.99 -5.82
N LEU C 33 33.19 -5.22 -6.34
CA LEU C 33 33.56 -6.52 -6.91
C LEU C 33 33.68 -7.59 -5.82
N LEU C 34 34.42 -7.26 -4.77
CA LEU C 34 34.53 -8.12 -3.59
C LEU C 34 33.13 -8.47 -3.08
N TYR C 35 32.27 -7.45 -3.05
CA TYR C 35 30.89 -7.61 -2.62
C TYR C 35 30.11 -8.57 -3.50
N ARG C 36 30.25 -8.44 -4.81
CA ARG C 36 29.49 -9.30 -5.72
C ARG C 36 29.96 -10.75 -5.62
N VAL C 37 31.25 -10.95 -5.41
CA VAL C 37 31.78 -12.30 -5.24
C VAL C 37 31.25 -12.87 -3.92
N GLY C 38 31.19 -12.05 -2.89
CA GLY C 38 30.60 -12.45 -1.63
C GLY C 38 29.12 -12.79 -1.75
N ALA C 39 28.44 -12.05 -2.61
CA ALA C 39 27.00 -12.21 -2.82
C ALA C 39 26.71 -13.47 -3.64
N VAL C 40 27.70 -13.91 -4.42
CA VAL C 40 27.57 -15.18 -5.11
C VAL C 40 27.88 -16.31 -4.13
N LEU C 41 28.90 -16.10 -3.29
CA LEU C 41 29.42 -17.16 -2.43
C LEU C 41 28.54 -17.50 -1.24
N ARG C 42 28.08 -16.49 -0.50
CA ARG C 42 27.42 -16.72 0.78
C ARG C 42 26.12 -17.54 0.71
N PRO C 43 25.27 -17.32 -0.32
CA PRO C 43 24.12 -18.23 -0.42
C PRO C 43 24.55 -19.67 -0.67
N GLU C 44 25.67 -19.84 -1.37
CA GLU C 44 26.18 -21.17 -1.67
C GLU C 44 26.64 -21.90 -0.40
N VAL C 45 27.45 -21.22 0.41
CA VAL C 45 27.91 -21.80 1.68
C VAL C 45 26.74 -21.99 2.65
N SER C 46 25.74 -21.10 2.58
CA SER C 46 24.58 -21.23 3.46
C SER C 46 23.75 -22.46 3.10
N ALA C 47 23.41 -22.58 1.83
CA ALA C 47 22.67 -23.73 1.32
C ALA C 47 23.46 -25.02 1.52
N ALA C 48 24.78 -24.88 1.54
CA ALA C 48 25.67 -26.02 1.74
C ALA C 48 25.68 -26.46 3.21
N LEU C 49 25.72 -25.50 4.12
CA LEU C 49 25.77 -25.77 5.56
C LEU C 49 24.41 -26.19 6.09
N SER C 50 23.36 -25.82 5.38
CA SER C 50 21.98 -26.02 5.83
C SER C 50 21.63 -27.49 6.15
N PRO C 51 21.93 -28.44 5.23
CA PRO C 51 21.53 -29.81 5.57
C PRO C 51 22.43 -30.50 6.61
N LEU C 52 23.35 -29.75 7.23
CA LEU C 52 24.14 -30.31 8.32
C LEU C 52 23.64 -29.76 9.65
N GLY C 53 22.61 -28.92 9.59
CA GLY C 53 22.09 -28.27 10.77
C GLY C 53 22.96 -27.13 11.27
N LEU C 54 23.77 -26.57 10.38
CA LEU C 54 24.67 -25.48 10.74
C LEU C 54 24.35 -24.19 10.02
N THR C 55 24.49 -23.06 10.74
CA THR C 55 24.48 -21.76 10.11
C THR C 55 25.92 -21.36 9.83
N LEU C 56 26.11 -20.15 9.33
CA LEU C 56 27.44 -19.64 9.03
C LEU C 56 28.23 -19.28 10.30
N PRO C 57 27.62 -18.55 11.27
CA PRO C 57 28.40 -18.25 12.47
C PRO C 57 28.77 -19.47 13.29
N GLU C 58 27.89 -20.47 13.28
CA GLU C 58 28.13 -21.71 14.02
C GLU C 58 29.33 -22.43 13.43
N PHE C 59 29.44 -22.43 12.10
CA PHE C 59 30.59 -23.02 11.44
C PHE C 59 31.85 -22.24 11.75
N VAL C 60 31.74 -20.91 11.75
CA VAL C 60 32.89 -20.07 12.13
C VAL C 60 33.43 -20.47 13.50
N CYS C 61 32.53 -20.54 14.49
CA CYS C 61 32.90 -20.94 15.84
C CYS C 61 33.50 -22.34 15.86
N LEU C 62 32.87 -23.27 15.16
CA LEU C 62 33.37 -24.64 15.03
C LEU C 62 34.81 -24.68 14.56
N ARG C 63 35.09 -23.98 13.48
CA ARG C 63 36.41 -23.98 12.87
C ARG C 63 37.45 -23.32 13.77
N MET C 64 37.05 -22.22 14.42
CA MET C 64 37.92 -21.55 15.37
C MET C 64 38.34 -22.47 16.51
N LEU C 65 37.37 -23.19 17.05
CA LEU C 65 37.67 -24.10 18.16
C LEU C 65 38.42 -25.34 17.66
N SER C 66 38.26 -25.65 16.38
CA SER C 66 38.94 -26.79 15.77
C SER C 66 40.42 -26.45 15.55
N GLN C 67 40.71 -25.17 15.37
CA GLN C 67 42.08 -24.74 15.15
C GLN C 67 42.76 -24.33 16.46
N SER C 68 42.01 -23.67 17.33
CA SER C 68 42.53 -23.23 18.61
C SER C 68 41.62 -23.64 19.77
N PRO C 69 41.75 -24.90 20.23
CA PRO C 69 40.96 -25.39 21.36
C PRO C 69 41.21 -24.58 22.63
N GLY C 70 40.22 -24.53 23.53
CA GLY C 70 40.44 -23.89 24.81
C GLY C 70 40.01 -22.44 24.94
N LEU C 71 39.83 -21.77 23.81
CA LEU C 71 39.48 -20.35 23.81
C LEU C 71 38.21 -20.04 24.58
N SER C 72 38.16 -18.84 25.15
CA SER C 72 37.00 -18.42 25.94
C SER C 72 35.93 -17.83 25.02
N SER C 73 34.76 -17.57 25.58
CA SER C 73 33.61 -17.08 24.82
C SER C 73 33.94 -15.68 24.27
N ALA C 74 34.62 -14.90 25.10
CA ALA C 74 34.94 -13.50 24.84
C ALA C 74 35.89 -13.32 23.66
N GLU C 75 36.96 -14.09 23.73
CA GLU C 75 37.99 -13.96 22.74
C GLU C 75 37.55 -14.61 21.44
N LEU C 76 36.67 -15.62 21.52
CA LEU C 76 36.04 -16.21 20.34
C LEU C 76 35.26 -15.13 19.62
N ALA C 77 34.48 -14.38 20.38
CA ALA C 77 33.71 -13.29 19.82
C ALA C 77 34.67 -12.22 19.29
N ARG C 78 35.84 -12.07 19.92
CA ARG C 78 36.80 -11.05 19.47
C ARG C 78 37.43 -11.38 18.13
N HIS C 79 37.55 -12.66 17.87
CA HIS C 79 38.21 -13.06 16.64
C HIS C 79 37.25 -13.11 15.45
N ALA C 80 35.95 -13.21 15.72
CA ALA C 80 34.97 -13.29 14.66
C ALA C 80 34.27 -11.97 14.41
N SER C 81 34.72 -10.93 15.12
CA SER C 81 34.14 -9.59 15.03
C SER C 81 32.64 -9.60 15.28
N VAL C 82 32.21 -10.32 16.30
CA VAL C 82 30.82 -10.30 16.74
C VAL C 82 30.77 -10.03 18.23
N THR C 83 29.58 -9.77 18.74
CA THR C 83 29.37 -9.51 20.16
C THR C 83 29.37 -10.80 20.96
N PRO C 84 29.83 -10.73 22.23
CA PRO C 84 29.89 -11.91 23.11
C PRO C 84 28.55 -12.63 23.30
N GLN C 85 27.43 -11.92 23.27
CA GLN C 85 26.14 -12.55 23.46
C GLN C 85 25.74 -13.42 22.27
N ALA C 86 26.09 -12.99 21.07
CA ALA C 86 25.84 -13.79 19.88
C ALA C 86 26.66 -15.07 19.93
N MET C 87 27.94 -14.92 20.26
CA MET C 87 28.87 -16.04 20.36
C MET C 87 28.43 -17.02 21.44
N ASN C 88 27.84 -16.49 22.51
CA ASN C 88 27.31 -17.35 23.57
C ASN C 88 26.05 -18.06 23.10
N THR C 89 25.28 -17.42 22.22
CA THR C 89 24.13 -18.08 21.63
C THR C 89 24.57 -19.29 20.81
N VAL C 90 25.54 -19.08 19.91
CA VAL C 90 26.03 -20.20 19.10
C VAL C 90 26.64 -21.26 20.01
N LEU C 91 27.38 -20.83 21.03
CA LEU C 91 28.03 -21.77 21.94
C LEU C 91 27.03 -22.62 22.70
N ARG C 92 25.88 -22.02 23.05
CA ARG C 92 24.83 -22.76 23.75
C ARG C 92 24.22 -23.77 22.79
N LYS C 93 24.05 -23.36 21.53
CA LYS C 93 23.57 -24.31 20.51
C LYS C 93 24.53 -25.48 20.31
N LEU C 94 25.82 -25.21 20.43
CA LEU C 94 26.82 -26.24 20.19
C LEU C 94 27.01 -27.12 21.41
N GLU C 95 26.68 -26.61 22.60
CA GLU C 95 26.67 -27.45 23.78
C GLU C 95 25.49 -28.41 23.71
N ASP C 96 24.32 -27.88 23.36
CA ASP C 96 23.11 -28.68 23.28
C ASP C 96 23.19 -29.79 22.24
N ALA C 97 24.04 -29.60 21.24
CA ALA C 97 24.17 -30.58 20.16
C ALA C 97 25.32 -31.55 20.44
N GLY C 98 25.98 -31.36 21.58
CA GLY C 98 27.09 -32.20 21.96
C GLY C 98 28.33 -31.99 21.11
N ALA C 99 28.58 -30.74 20.73
CA ALA C 99 29.75 -30.40 19.93
C ALA C 99 30.85 -29.80 20.80
N VAL C 100 30.46 -29.05 21.83
CA VAL C 100 31.45 -28.40 22.68
C VAL C 100 31.17 -28.61 24.16
N ALA C 101 32.23 -28.67 24.95
CA ALA C 101 32.10 -28.67 26.40
C ALA C 101 32.80 -27.44 26.97
N ARG C 102 32.04 -26.57 27.64
CA ARG C 102 32.61 -25.35 28.20
C ARG C 102 33.33 -25.59 29.54
N PRO C 103 32.69 -26.29 30.49
CA PRO C 103 33.48 -26.57 31.70
C PRO C 103 34.47 -27.71 31.50
N LEU C 112 34.85 -20.47 31.48
CA LEU C 112 35.23 -19.69 30.30
C LEU C 112 35.78 -20.55 29.15
N PRO C 113 36.78 -21.42 29.41
CA PRO C 113 37.47 -22.04 28.27
C PRO C 113 36.74 -23.23 27.62
N ALA C 114 36.08 -23.00 26.49
CA ALA C 114 35.34 -24.06 25.81
C ALA C 114 36.25 -24.90 24.91
N THR C 115 35.80 -26.10 24.57
CA THR C 115 36.57 -27.00 23.72
C THR C 115 35.68 -28.02 23.00
N LEU C 116 36.23 -28.65 21.96
CA LEU C 116 35.46 -29.54 21.08
C LEU C 116 35.34 -30.98 21.58
N THR C 117 34.30 -31.66 21.10
CA THR C 117 34.07 -33.07 21.40
C THR C 117 34.26 -33.86 20.12
N ALA C 118 34.24 -35.18 20.23
CA ALA C 118 34.46 -36.05 19.06
C ALA C 118 33.44 -35.80 17.96
N ARG C 119 32.18 -35.69 18.37
CA ARG C 119 31.08 -35.41 17.46
C ARG C 119 31.26 -34.01 16.87
N GLY C 120 31.74 -33.10 17.70
CA GLY C 120 32.04 -31.76 17.26
C GLY C 120 33.17 -31.69 16.25
N ARG C 121 34.20 -32.51 16.44
CA ARG C 121 35.31 -32.56 15.48
C ARG C 121 34.86 -33.17 14.15
N ALA C 122 34.08 -34.25 14.21
CA ALA C 122 33.58 -34.87 12.99
C ALA C 122 32.70 -33.88 12.21
N LEU C 123 31.83 -33.22 12.94
CA LEU C 123 30.95 -32.21 12.38
C LEU C 123 31.77 -31.09 11.73
N ALA C 124 32.84 -30.69 12.41
CA ALA C 124 33.74 -29.66 11.91
C ALA C 124 34.38 -30.12 10.61
N LYS C 125 34.73 -31.40 10.53
CA LYS C 125 35.35 -31.97 9.34
C LYS C 125 34.43 -31.91 8.12
N ARG C 126 33.23 -32.47 8.27
CA ARG C 126 32.33 -32.52 7.12
C ARG C 126 31.88 -31.11 6.76
N ALA C 127 31.79 -30.24 7.76
CA ALA C 127 31.44 -28.85 7.50
C ALA C 127 32.52 -28.21 6.64
N GLU C 128 33.78 -28.35 7.06
CA GLU C 128 34.94 -27.94 6.26
C GLU C 128 34.82 -28.41 4.81
N ALA C 129 34.56 -29.71 4.63
CA ALA C 129 34.47 -30.29 3.29
C ALA C 129 33.39 -29.63 2.44
N VAL C 130 32.21 -29.46 3.03
CA VAL C 130 31.07 -28.91 2.32
C VAL C 130 31.31 -27.45 1.93
N VAL C 131 31.93 -26.69 2.82
CA VAL C 131 32.24 -25.30 2.54
C VAL C 131 33.26 -25.22 1.42
N ARG C 132 34.18 -26.19 1.39
CA ARG C 132 35.14 -26.29 0.31
C ARG C 132 34.45 -26.60 -1.01
N ALA C 133 33.36 -27.38 -0.94
CA ALA C 133 32.59 -27.69 -2.14
C ALA C 133 31.93 -26.43 -2.69
N ALA C 134 31.34 -25.63 -1.81
CA ALA C 134 30.75 -24.36 -2.23
C ALA C 134 31.81 -23.46 -2.87
N ASP C 135 32.98 -23.41 -2.23
CA ASP C 135 34.12 -22.63 -2.73
C ASP C 135 34.46 -23.07 -4.15
N ALA C 136 34.62 -24.38 -4.34
CA ALA C 136 34.91 -24.94 -5.65
C ALA C 136 33.84 -24.56 -6.66
N ARG C 137 32.59 -24.49 -6.22
CA ARG C 137 31.49 -24.26 -7.15
C ARG C 137 31.47 -22.81 -7.62
N VAL C 138 31.93 -21.88 -6.78
CA VAL C 138 32.00 -20.50 -7.27
C VAL C 138 33.31 -20.26 -8.05
N LEU C 139 34.40 -20.90 -7.60
CA LEU C 139 35.71 -20.75 -8.23
C LEU C 139 35.83 -21.50 -9.56
N ALA C 140 34.83 -22.31 -9.88
CA ALA C 140 34.88 -23.17 -11.07
C ALA C 140 34.81 -22.38 -12.39
N ARG C 141 34.40 -21.11 -12.30
CA ARG C 141 34.33 -20.27 -13.48
C ARG C 141 35.74 -19.95 -13.96
N LEU C 142 36.71 -20.16 -13.09
CA LEU C 142 38.12 -20.00 -13.40
C LEU C 142 38.77 -21.36 -13.63
N THR C 143 39.79 -21.39 -14.48
CA THR C 143 40.60 -22.60 -14.63
C THR C 143 41.37 -22.87 -13.34
N ALA C 144 41.87 -24.10 -13.19
CA ALA C 144 42.61 -24.49 -12.00
C ALA C 144 43.84 -23.60 -11.73
N PRO C 145 44.69 -23.37 -12.75
CA PRO C 145 45.80 -22.45 -12.49
C PRO C 145 45.30 -21.06 -12.07
N GLN C 146 44.26 -20.59 -12.74
CA GLN C 146 43.64 -19.31 -12.40
C GLN C 146 43.17 -19.30 -10.96
N GLN C 147 42.57 -20.40 -10.51
CA GLN C 147 42.13 -20.52 -9.12
C GLN C 147 43.29 -20.41 -8.14
N ARG C 148 44.32 -21.22 -8.36
CA ARG C 148 45.50 -21.20 -7.48
C ARG C 148 46.11 -19.79 -7.39
N GLU C 149 46.34 -19.19 -8.55
CA GLU C 149 46.96 -17.86 -8.63
C GLU C 149 46.08 -16.81 -7.94
N PHE C 150 44.79 -16.86 -8.22
CA PHE C 150 43.81 -15.97 -7.59
C PHE C 150 43.79 -16.06 -6.06
N LYS C 151 43.88 -17.28 -5.53
CA LYS C 151 43.88 -17.46 -4.09
C LYS C 151 45.18 -16.94 -3.48
N ARG C 152 46.29 -17.12 -4.21
CA ARG C 152 47.54 -16.50 -3.77
C ARG C 152 47.36 -14.99 -3.67
N MET C 153 46.69 -14.43 -4.68
CA MET C 153 46.52 -12.99 -4.80
C MET C 153 45.66 -12.43 -3.68
N LEU C 154 44.53 -13.07 -3.41
CA LEU C 154 43.71 -12.63 -2.28
C LEU C 154 44.44 -12.76 -0.96
N GLU C 155 45.09 -13.91 -0.73
CA GLU C 155 45.81 -14.08 0.53
C GLU C 155 46.90 -12.99 0.70
N LYS C 156 47.48 -12.50 -0.40
CA LYS C 156 48.50 -11.44 -0.28
C LYS C 156 47.87 -10.08 0.07
N LEU C 157 46.79 -9.74 -0.61
CA LEU C 157 46.09 -8.46 -0.40
C LEU C 157 45.57 -8.27 1.01
N GLY C 158 45.50 -9.37 1.75
CA GLY C 158 45.07 -9.32 3.14
C GLY C 158 46.32 -9.29 4.00
N SER C 159 46.79 -10.48 4.39
CA SER C 159 48.05 -10.67 5.11
C SER C 159 48.21 -9.73 6.29
N ASP D 27 44.10 -24.66 2.60
CA ASP D 27 44.39 -23.44 3.35
C ASP D 27 43.14 -22.92 4.07
N ALA D 28 42.85 -21.64 3.89
CA ALA D 28 41.70 -21.02 4.55
C ALA D 28 40.53 -20.87 3.57
N PRO D 29 39.29 -20.93 4.10
CA PRO D 29 38.09 -20.82 3.27
C PRO D 29 38.05 -19.51 2.51
N LEU D 30 37.47 -19.54 1.31
CA LEU D 30 37.43 -18.38 0.42
C LEU D 30 36.80 -17.16 1.08
N GLY D 31 35.74 -17.39 1.84
CA GLY D 31 35.05 -16.32 2.55
C GLY D 31 35.93 -15.58 3.52
N TYR D 32 36.83 -16.31 4.18
CA TYR D 32 37.82 -15.70 5.07
C TYR D 32 38.72 -14.73 4.31
N LEU D 33 39.14 -15.13 3.11
CA LEU D 33 40.03 -14.32 2.30
C LEU D 33 39.34 -13.04 1.79
N LEU D 34 38.15 -13.20 1.20
CA LEU D 34 37.34 -12.05 0.82
C LEU D 34 37.17 -11.11 2.01
N TYR D 35 36.89 -11.70 3.17
CA TYR D 35 36.71 -10.94 4.39
C TYR D 35 37.95 -10.14 4.78
N ARG D 36 39.12 -10.77 4.73
CA ARG D 36 40.35 -10.09 5.15
C ARG D 36 40.70 -8.96 4.18
N VAL D 37 40.45 -9.17 2.89
CA VAL D 37 40.71 -8.10 1.93
C VAL D 37 39.74 -6.95 2.14
N GLY D 38 38.48 -7.28 2.44
CA GLY D 38 37.49 -6.26 2.76
C GLY D 38 37.84 -5.49 4.03
N ALA D 39 38.44 -6.20 4.98
CA ALA D 39 38.80 -5.65 6.28
C ALA D 39 40.02 -4.75 6.14
N VAL D 40 40.82 -4.98 5.10
CA VAL D 40 41.92 -4.08 4.81
C VAL D 40 41.40 -2.86 4.06
N LEU D 41 40.48 -3.09 3.12
CA LEU D 41 40.02 -2.03 2.21
C LEU D 41 39.12 -1.00 2.87
N ARG D 42 38.15 -1.46 3.65
CA ARG D 42 37.10 -0.58 4.16
C ARG D 42 37.59 0.58 5.06
N PRO D 43 38.59 0.33 5.94
CA PRO D 43 39.10 1.49 6.69
C PRO D 43 39.77 2.53 5.81
N GLU D 44 40.42 2.07 4.73
CA GLU D 44 41.09 2.96 3.79
C GLU D 44 40.08 3.82 3.05
N VAL D 45 39.01 3.19 2.58
CA VAL D 45 37.94 3.90 1.90
C VAL D 45 37.24 4.89 2.83
N SER D 46 37.13 4.51 4.11
CA SER D 46 36.51 5.39 5.09
C SER D 46 37.37 6.63 5.34
N ALA D 47 38.65 6.40 5.62
CA ALA D 47 39.59 7.49 5.84
C ALA D 47 39.75 8.38 4.60
N ALA D 48 39.52 7.79 3.43
CA ALA D 48 39.61 8.54 2.17
C ALA D 48 38.37 9.41 1.96
N LEU D 49 37.20 8.86 2.24
CA LEU D 49 35.95 9.59 2.05
C LEU D 49 35.71 10.63 3.13
N SER D 50 36.33 10.42 4.29
CA SER D 50 36.07 11.26 5.48
C SER D 50 36.31 12.76 5.27
N PRO D 51 37.47 13.17 4.71
CA PRO D 51 37.65 14.62 4.58
C PRO D 51 36.85 15.24 3.44
N LEU D 52 35.95 14.47 2.84
CA LEU D 52 35.03 15.00 1.84
C LEU D 52 33.65 15.17 2.45
N GLY D 53 33.53 14.81 3.72
CA GLY D 53 32.26 14.87 4.41
C GLY D 53 31.31 13.74 4.01
N LEU D 54 31.88 12.66 3.49
CA LEU D 54 31.07 11.53 3.03
C LEU D 54 31.35 10.26 3.82
N THR D 55 30.29 9.50 4.09
CA THR D 55 30.43 8.14 4.60
C THR D 55 30.41 7.19 3.41
N LEU D 56 30.46 5.89 3.70
CA LEU D 56 30.43 4.88 2.65
C LEU D 56 29.03 4.76 1.99
N PRO D 57 27.95 4.69 2.80
CA PRO D 57 26.64 4.59 2.14
C PRO D 57 26.26 5.82 1.31
N GLU D 58 26.69 6.99 1.77
CA GLU D 58 26.42 8.24 1.07
C GLU D 58 27.11 8.24 -0.29
N PHE D 59 28.33 7.71 -0.33
CA PHE D 59 29.05 7.56 -1.59
C PHE D 59 28.37 6.54 -2.49
N VAL D 60 27.90 5.44 -1.92
CA VAL D 60 27.14 4.45 -2.67
C VAL D 60 25.94 5.09 -3.37
N CYS D 61 25.13 5.80 -2.60
CA CYS D 61 23.96 6.50 -3.13
C CYS D 61 24.35 7.51 -4.21
N LEU D 62 25.38 8.29 -3.90
CA LEU D 62 25.94 9.29 -4.80
C LEU D 62 26.26 8.69 -6.17
N ARG D 63 27.02 7.60 -6.17
CA ARG D 63 27.47 6.96 -7.39
C ARG D 63 26.30 6.31 -8.15
N MET D 64 25.37 5.73 -7.40
CA MET D 64 24.17 5.16 -8.01
C MET D 64 23.41 6.23 -8.77
N LEU D 65 23.25 7.40 -8.18
CA LEU D 65 22.55 8.50 -8.83
C LEU D 65 23.39 9.12 -9.94
N SER D 66 24.71 8.97 -9.85
CA SER D 66 25.61 9.51 -10.86
C SER D 66 25.54 8.65 -12.13
N GLN D 67 25.24 7.37 -11.96
CA GLN D 67 25.12 6.48 -13.11
C GLN D 67 23.68 6.37 -13.60
N SER D 68 22.74 6.36 -12.67
CA SER D 68 21.32 6.26 -13.02
C SER D 68 20.48 7.35 -12.38
N PRO D 69 20.48 8.55 -12.98
CA PRO D 69 19.69 9.68 -12.48
C PRO D 69 18.19 9.38 -12.48
N GLY D 70 17.44 10.02 -11.59
CA GLY D 70 15.99 9.92 -11.62
C GLY D 70 15.34 8.86 -10.74
N LEU D 71 16.12 7.86 -10.34
CA LEU D 71 15.59 6.74 -9.56
C LEU D 71 14.95 7.18 -8.25
N SER D 72 13.96 6.42 -7.80
CA SER D 72 13.25 6.74 -6.57
C SER D 72 13.98 6.15 -5.37
N SER D 73 13.54 6.48 -4.17
CA SER D 73 14.21 6.07 -2.94
C SER D 73 14.12 4.56 -2.72
N ALA D 74 12.97 3.99 -3.05
CA ALA D 74 12.69 2.58 -2.78
C ALA D 74 13.60 1.66 -3.59
N GLU D 75 13.74 1.97 -4.88
CA GLU D 75 14.56 1.15 -5.77
C GLU D 75 16.03 1.44 -5.54
N LEU D 76 16.33 2.64 -5.06
CA LEU D 76 17.67 2.99 -4.61
C LEU D 76 18.09 2.07 -3.47
N ALA D 77 17.22 1.95 -2.47
CA ALA D 77 17.48 1.10 -1.31
C ALA D 77 17.51 -0.38 -1.72
N ARG D 78 16.67 -0.73 -2.69
CA ARG D 78 16.58 -2.11 -3.18
C ARG D 78 17.82 -2.53 -3.97
N HIS D 79 18.48 -1.60 -4.64
CA HIS D 79 19.68 -1.95 -5.41
C HIS D 79 20.94 -1.95 -4.54
N ALA D 80 20.88 -1.27 -3.40
CA ALA D 80 22.02 -1.15 -2.51
C ALA D 80 21.95 -2.10 -1.31
N SER D 81 20.94 -2.96 -1.32
CA SER D 81 20.71 -3.92 -0.23
C SER D 81 20.61 -3.26 1.13
N VAL D 82 19.88 -2.15 1.21
CA VAL D 82 19.60 -1.52 2.49
C VAL D 82 18.10 -1.29 2.61
N THR D 83 17.67 -0.94 3.82
CA THR D 83 16.28 -0.63 4.08
C THR D 83 15.96 0.79 3.62
N PRO D 84 14.71 1.03 3.17
CA PRO D 84 14.27 2.33 2.65
C PRO D 84 14.52 3.52 3.59
N GLN D 85 14.44 3.29 4.89
CA GLN D 85 14.63 4.37 5.86
C GLN D 85 16.09 4.83 5.91
N ALA D 86 17.01 3.88 5.76
CA ALA D 86 18.43 4.21 5.70
C ALA D 86 18.74 5.06 4.47
N MET D 87 18.20 4.62 3.33
CA MET D 87 18.38 5.33 2.08
C MET D 87 17.74 6.71 2.12
N ASN D 88 16.64 6.85 2.85
CA ASN D 88 16.01 8.16 3.01
C ASN D 88 16.81 9.07 3.93
N THR D 89 17.45 8.48 4.93
CA THR D 89 18.35 9.23 5.82
C THR D 89 19.48 9.81 4.97
N VAL D 90 20.08 8.94 4.17
CA VAL D 90 21.18 9.33 3.30
C VAL D 90 20.73 10.41 2.32
N LEU D 91 19.54 10.21 1.74
CA LEU D 91 19.01 11.14 0.75
C LEU D 91 18.74 12.52 1.32
N ARG D 92 18.24 12.58 2.55
CA ARG D 92 17.97 13.88 3.14
C ARG D 92 19.29 14.55 3.53
N LYS D 93 20.28 13.76 3.96
CA LYS D 93 21.60 14.34 4.21
C LYS D 93 22.20 14.92 2.92
N LEU D 94 21.92 14.29 1.78
CA LEU D 94 22.47 14.78 0.52
C LEU D 94 21.63 15.93 -0.02
N GLU D 95 20.38 16.03 0.42
CA GLU D 95 19.54 17.18 0.09
C GLU D 95 20.07 18.41 0.79
N ASP D 96 20.38 18.26 2.07
CA ASP D 96 20.87 19.37 2.88
C ASP D 96 22.20 19.94 2.34
N ALA D 97 22.96 19.13 1.63
CA ALA D 97 24.26 19.53 1.11
C ALA D 97 24.17 20.04 -0.33
N GLY D 98 22.96 20.03 -0.88
CA GLY D 98 22.76 20.46 -2.25
C GLY D 98 23.33 19.49 -3.27
N ALA D 99 23.22 18.20 -2.96
CA ALA D 99 23.71 17.16 -3.86
C ALA D 99 22.57 16.53 -4.65
N VAL D 100 21.39 16.44 -4.05
CA VAL D 100 20.26 15.79 -4.70
C VAL D 100 19.00 16.66 -4.66
N ALA D 101 18.16 16.50 -5.67
CA ALA D 101 16.86 17.14 -5.70
C ALA D 101 15.75 16.10 -5.64
N PRO D 113 11.62 10.22 -6.66
CA PRO D 113 12.27 10.38 -7.96
C PRO D 113 13.30 11.51 -7.94
N ALA D 114 14.32 11.36 -7.11
CA ALA D 114 15.36 12.36 -6.92
C ALA D 114 16.44 12.27 -7.99
N THR D 115 17.22 13.33 -8.13
CA THR D 115 18.30 13.37 -9.11
C THR D 115 19.40 14.30 -8.65
N LEU D 116 20.55 14.20 -9.31
CA LEU D 116 21.77 14.85 -8.86
C LEU D 116 21.83 16.33 -9.28
N THR D 117 22.59 17.12 -8.52
CA THR D 117 22.81 18.54 -8.85
C THR D 117 24.26 18.80 -9.23
N ALA D 118 24.54 20.03 -9.67
CA ALA D 118 25.87 20.40 -10.14
C ALA D 118 26.93 20.15 -9.07
N ARG D 119 26.63 20.51 -7.84
CA ARG D 119 27.51 20.25 -6.71
C ARG D 119 27.66 18.76 -6.46
N GLY D 120 26.55 18.04 -6.59
CA GLY D 120 26.53 16.60 -6.42
C GLY D 120 27.35 15.81 -7.41
N ARG D 121 27.36 16.26 -8.67
CA ARG D 121 28.15 15.60 -9.70
C ARG D 121 29.65 15.75 -9.44
N ALA D 122 30.08 16.97 -9.11
CA ALA D 122 31.47 17.24 -8.81
C ALA D 122 31.91 16.44 -7.58
N LEU D 123 31.06 16.46 -6.56
CA LEU D 123 31.31 15.72 -5.33
C LEU D 123 31.47 14.24 -5.66
N ALA D 124 30.62 13.75 -6.56
CA ALA D 124 30.69 12.37 -7.01
C ALA D 124 32.01 12.07 -7.73
N LYS D 125 32.49 13.02 -8.52
CA LYS D 125 33.74 12.85 -9.26
C LYS D 125 34.91 12.70 -8.28
N ARG D 126 35.01 13.64 -7.35
CA ARG D 126 36.12 13.66 -6.41
C ARG D 126 36.05 12.45 -5.47
N ALA D 127 34.84 12.03 -5.12
CA ALA D 127 34.63 10.84 -4.30
C ALA D 127 35.12 9.60 -5.02
N GLU D 128 34.65 9.42 -6.25
CA GLU D 128 35.16 8.38 -7.15
C GLU D 128 36.68 8.35 -7.13
N ALA D 129 37.29 9.52 -7.30
CA ALA D 129 38.74 9.63 -7.35
C ALA D 129 39.43 9.14 -6.06
N VAL D 130 38.94 9.59 -4.91
CA VAL D 130 39.58 9.20 -3.64
C VAL D 130 39.39 7.70 -3.35
N VAL D 131 38.22 7.17 -3.67
CA VAL D 131 37.96 5.75 -3.45
C VAL D 131 38.85 4.93 -4.37
N ARG D 132 39.09 5.46 -5.57
CA ARG D 132 40.02 4.86 -6.52
C ARG D 132 41.44 4.89 -5.98
N ALA D 133 41.78 5.93 -5.23
CA ALA D 133 43.10 6.03 -4.61
C ALA D 133 43.27 4.97 -3.52
N ALA D 134 42.24 4.79 -2.70
CA ALA D 134 42.26 3.72 -1.69
C ALA D 134 42.43 2.36 -2.35
N ASP D 135 41.71 2.17 -3.45
CA ASP D 135 41.80 0.95 -4.25
C ASP D 135 43.25 0.73 -4.68
N ALA D 136 43.86 1.77 -5.23
CA ALA D 136 45.25 1.69 -5.63
C ALA D 136 46.16 1.32 -4.45
N ARG D 137 45.82 1.80 -3.26
CA ARG D 137 46.67 1.61 -2.10
C ARG D 137 46.60 0.18 -1.55
N VAL D 138 45.46 -0.48 -1.72
CA VAL D 138 45.39 -1.88 -1.32
C VAL D 138 45.93 -2.78 -2.44
N LEU D 139 45.64 -2.40 -3.69
CA LEU D 139 46.08 -3.17 -4.85
C LEU D 139 47.57 -3.03 -5.15
N ALA D 140 48.24 -2.11 -4.45
CA ALA D 140 49.65 -1.84 -4.72
C ALA D 140 50.53 -3.02 -4.31
N ARG D 141 49.97 -3.92 -3.51
CA ARG D 141 50.70 -5.10 -3.08
C ARG D 141 50.86 -6.09 -4.25
N LEU D 142 50.06 -5.88 -5.29
CA LEU D 142 50.19 -6.65 -6.54
C LEU D 142 50.88 -5.79 -7.59
N THR D 143 51.61 -6.43 -8.50
CA THR D 143 52.15 -5.73 -9.65
C THR D 143 50.99 -5.29 -10.54
N ALA D 144 51.24 -4.34 -11.43
CA ALA D 144 50.20 -3.82 -12.31
C ALA D 144 49.54 -4.90 -13.18
N PRO D 145 50.34 -5.79 -13.83
CA PRO D 145 49.68 -6.86 -14.56
C PRO D 145 48.85 -7.75 -13.64
N GLN D 146 49.40 -8.05 -12.48
CA GLN D 146 48.69 -8.82 -11.46
C GLN D 146 47.39 -8.14 -11.08
N GLN D 147 47.43 -6.81 -10.95
CA GLN D 147 46.22 -6.02 -10.65
C GLN D 147 45.16 -6.20 -11.74
N ARG D 148 45.55 -5.97 -12.99
CA ARG D 148 44.63 -6.09 -14.12
C ARG D 148 44.00 -7.49 -14.18
N GLU D 149 44.84 -8.52 -14.11
CA GLU D 149 44.37 -9.90 -14.19
C GLU D 149 43.46 -10.23 -13.00
N PHE D 150 43.85 -9.80 -11.81
CA PHE D 150 43.06 -9.98 -10.60
C PHE D 150 41.66 -9.36 -10.71
N LYS D 151 41.57 -8.16 -11.25
CA LYS D 151 40.28 -7.52 -11.40
C LYS D 151 39.47 -8.22 -12.49
N ARG D 152 40.14 -8.75 -13.50
CA ARG D 152 39.45 -9.59 -14.47
C ARG D 152 38.82 -10.78 -13.76
N MET D 153 39.58 -11.37 -12.84
CA MET D 153 39.15 -12.57 -12.13
C MET D 153 37.97 -12.31 -11.18
N LEU D 154 38.02 -11.22 -10.42
CA LEU D 154 36.89 -10.87 -9.56
C LEU D 154 35.59 -10.63 -10.32
N GLU D 155 35.65 -9.82 -11.37
CA GLU D 155 34.48 -9.51 -12.18
C GLU D 155 33.85 -10.78 -12.78
N LYS D 156 34.69 -11.77 -13.08
CA LYS D 156 34.24 -13.00 -13.70
C LYS D 156 33.49 -13.83 -12.65
N LEU D 157 34.08 -13.95 -11.47
CA LEU D 157 33.50 -14.70 -10.36
C LEU D 157 32.16 -14.14 -9.84
N GLY D 158 31.82 -12.91 -10.21
CA GLY D 158 30.59 -12.30 -9.73
C GLY D 158 29.35 -12.33 -10.59
N SER D 159 28.94 -13.54 -10.99
CA SER D 159 27.68 -13.76 -11.71
C SER D 159 27.51 -12.82 -12.91
#